data_9LN5
#
_entry.id   9LN5
#
_cell.length_a   72.791
_cell.length_b   72.791
_cell.length_c   348.370
_cell.angle_alpha   90.00
_cell.angle_beta   90.00
_cell.angle_gamma   120.00
#
_symmetry.space_group_name_H-M   'P 65 2 2'
#
loop_
_entity.id
_entity.type
_entity.pdbx_description
1 polymer 'Putative monooxygenase'
2 non-polymer 'PROTOPORPHYRIN IX CONTAINING FE'
3 non-polymer '(2E,4S,5S,6E,8E)-10-{(2R,3S,6S,8R,9S)-9-butyl-8-[(1E,3E)-4-carboxy-3-methylbuta-1,3-dien-1-yl]-3-methyl-1,7-dioxaspiro[5.5]undec-2-yl}-5-hydroxy-4,8-dimethyldeca-2,6,8-trienoic acid'
4 non-polymer 'CHLORIDE ION'
5 water water
#
_entity_poly.entity_id   1
_entity_poly.type   'polypeptide(L)'
_entity_poly.pdbx_seq_one_letter_code
;GSHMLNTTYPESLSYPFGPDEGLALSESYTRARDTDGLIRVKLPYGEPAWLATRYEDARLVLGDARFSRALSEEHDPPRA
RKFNAQAKSMFNMDAPDHTRLRRLISKAFTIRRVEELRPKVHDLAHRLIDDMLAKGEPADLVADYALPIPTTVICELLGV
PFEDREKFGRWTDAILSTSTLNPEEGRVKRMELVGYIGGIIAARRAQPADDLISGMIEARDVQDKLTEQELLDHCIGLLI
LGHETTASQIPSFVYALLDQPQHWKRLLDDPELIPSAVEELFRFVPLGSGSAAPRYAREDIEVGGTLVRAGEPVLVALGA
ANRDGLRFEDPEEIKLDRPSNHHIGFGHGIHHCLGAPLARLELQEALRALLERLPTLKVAGDIAWKSEMMVRGPRSMPVG
W
;
_entity_poly.pdbx_strand_id   A
#
loop_
_chem_comp.id
_chem_comp.type
_chem_comp.name
_chem_comp.formula
CL non-polymer 'CHLORIDE ION' 'Cl -1'
HEM non-polymer 'PROTOPORPHYRIN IX CONTAINING FE' 'C34 H32 Fe N4 O4'
RRM non-polymer '(2E,4S,5S,6E,8E)-10-{(2R,3S,6S,8R,9S)-9-butyl-8-[(1E,3E)-4-carboxy-3-methylbuta-1,3-dien-1-yl]-3-methyl-1,7-dioxaspiro[5.5]undec-2-yl}-5-hydroxy-4,8-dimethyldeca-2,6,8-trienoic acid' 'C32 H48 O7'
#
# COMPACT_ATOMS: atom_id res chain seq x y z
N THR A 8 3.73 3.98 33.28
CA THR A 8 2.71 5.01 33.08
C THR A 8 2.24 5.03 31.63
N TYR A 9 1.32 5.94 31.34
CA TYR A 9 0.78 6.10 29.99
C TYR A 9 0.93 7.56 29.56
N PRO A 10 1.89 7.85 28.68
CA PRO A 10 2.00 9.21 28.14
C PRO A 10 0.67 9.68 27.56
N GLU A 11 0.47 10.99 27.58
CA GLU A 11 -0.76 11.58 27.04
C GLU A 11 -1.00 11.06 25.62
N SER A 12 -2.16 10.46 25.41
CA SER A 12 -2.52 9.96 24.09
C SER A 12 -2.72 11.14 23.15
N LEU A 13 -1.93 11.17 22.07
CA LEU A 13 -1.99 12.26 21.11
C LEU A 13 -2.96 11.95 19.97
N SER A 14 -3.46 12.99 19.34
N SER A 14 -3.47 13.00 19.34
CA SER A 14 -4.40 12.86 18.23
CA SER A 14 -4.42 12.84 18.25
C SER A 14 -3.69 12.24 17.04
C SER A 14 -3.71 12.25 17.04
N TYR A 15 -4.08 11.02 16.67
CA TYR A 15 -3.49 10.35 15.53
C TYR A 15 -4.57 10.00 14.51
N PRO A 16 -4.26 10.06 13.22
CA PRO A 16 -2.94 10.36 12.64
C PRO A 16 -2.47 11.79 12.86
N PHE A 17 -1.37 12.15 12.20
CA PHE A 17 -0.80 13.49 12.28
C PHE A 17 -0.98 14.29 10.99
N GLY A 18 -0.75 13.66 9.84
CA GLY A 18 -0.74 14.37 8.57
C GLY A 18 0.67 14.67 8.11
N PRO A 19 0.80 15.52 7.08
CA PRO A 19 -0.32 16.10 6.34
C PRO A 19 -0.77 15.22 5.18
N ASP A 20 -1.68 15.73 4.36
CA ASP A 20 -2.10 15.04 3.15
C ASP A 20 -1.41 15.55 1.90
N GLU A 21 -0.94 16.79 1.91
CA GLU A 21 -0.28 17.40 0.76
C GLU A 21 1.22 17.22 0.85
N GLY A 22 1.86 17.10 -0.31
CA GLY A 22 3.29 16.89 -0.37
C GLY A 22 3.69 15.57 0.26
N LEU A 23 5.00 15.32 0.32
CA LEU A 23 5.54 14.08 0.84
C LEU A 23 6.09 14.23 2.25
N ALA A 24 5.70 15.31 2.93
CA ALA A 24 6.21 15.61 4.26
C ALA A 24 5.59 14.70 5.30
N LEU A 25 6.34 14.47 6.37
CA LEU A 25 5.87 13.72 7.53
C LEU A 25 5.75 14.68 8.70
N SER A 26 4.61 14.62 9.40
CA SER A 26 4.37 15.49 10.53
C SER A 26 5.56 15.51 11.48
N GLU A 27 5.89 16.70 11.98
CA GLU A 27 6.98 16.84 12.94
C GLU A 27 6.79 15.93 14.14
N SER A 28 5.54 15.63 14.50
CA SER A 28 5.28 14.76 15.64
C SER A 28 5.97 13.42 15.49
N TYR A 29 6.18 12.97 14.25
CA TYR A 29 6.90 11.73 14.03
C TYR A 29 8.36 11.86 14.46
N THR A 30 9.00 12.97 14.09
CA THR A 30 10.38 13.19 14.50
C THR A 30 10.49 13.26 16.01
N ARG A 31 9.64 14.07 16.65
CA ARG A 31 9.67 14.16 18.11
C ARG A 31 9.43 12.80 18.75
N ALA A 32 8.66 11.93 18.10
CA ALA A 32 8.38 10.61 18.67
C ALA A 32 9.62 9.72 18.65
N ARG A 33 10.30 9.64 17.51
CA ARG A 33 11.52 8.84 17.44
C ARG A 33 12.55 9.30 18.47
N ASP A 34 12.66 10.62 18.68
CA ASP A 34 13.63 11.14 19.63
C ASP A 34 13.24 10.80 21.07
N THR A 35 11.94 10.68 21.33
CA THR A 35 11.46 10.37 22.67
C THR A 35 11.84 8.96 23.09
N ASP A 36 12.37 8.82 24.30
N ASP A 36 12.36 8.82 24.30
CA ASP A 36 12.72 7.51 24.81
CA ASP A 36 12.72 7.51 24.82
C ASP A 36 11.46 6.68 25.05
C ASP A 36 11.46 6.68 25.05
N GLY A 37 11.48 5.44 24.57
CA GLY A 37 10.32 4.59 24.66
C GLY A 37 9.30 4.88 23.58
N LEU A 38 8.15 4.24 23.69
CA LEU A 38 7.06 4.39 22.73
C LEU A 38 6.05 5.40 23.24
N ILE A 39 5.57 6.26 22.33
CA ILE A 39 4.57 7.26 22.67
C ILE A 39 3.18 6.65 22.57
N ARG A 40 2.15 7.42 22.94
CA ARG A 40 0.77 6.96 22.92
C ARG A 40 -0.03 7.79 21.93
N VAL A 41 -1.01 7.15 21.30
CA VAL A 41 -1.85 7.79 20.28
C VAL A 41 -3.29 7.35 20.46
N LYS A 42 -4.20 8.19 19.96
CA LYS A 42 -5.64 7.91 19.98
C LYS A 42 -6.17 8.08 18.57
N LEU A 43 -6.49 6.97 17.92
CA LEU A 43 -7.08 7.02 16.60
C LEU A 43 -8.59 7.29 16.70
N PRO A 44 -9.22 7.71 15.61
CA PRO A 44 -10.65 8.07 15.67
C PRO A 44 -11.50 7.02 16.36
N TYR A 45 -11.35 5.75 16.01
CA TYR A 45 -12.12 4.69 16.63
C TYR A 45 -11.18 3.72 17.34
N GLY A 46 -11.75 2.92 18.23
CA GLY A 46 -11.01 1.87 18.88
C GLY A 46 -10.23 2.33 20.09
N GLU A 47 -9.55 1.37 20.70
CA GLU A 47 -8.77 1.63 21.90
C GLU A 47 -7.47 2.36 21.57
N PRO A 48 -6.86 3.00 22.56
CA PRO A 48 -5.55 3.63 22.35
C PRO A 48 -4.45 2.58 22.32
N ALA A 49 -3.33 2.97 21.71
CA ALA A 49 -2.25 2.02 21.49
C ALA A 49 -0.91 2.75 21.51
N TRP A 50 0.15 1.96 21.60
CA TRP A 50 1.50 2.48 21.45
C TRP A 50 1.81 2.74 19.98
N LEU A 51 2.70 3.70 19.73
CA LEU A 51 3.20 3.98 18.39
C LEU A 51 4.70 3.72 18.36
N ALA A 52 5.12 2.85 17.43
CA ALA A 52 6.53 2.58 17.20
C ALA A 52 6.97 3.34 15.96
N THR A 53 8.02 4.17 16.10
CA THR A 53 8.51 4.99 15.01
C THR A 53 9.98 4.78 14.68
N ARG A 54 10.73 4.08 15.53
CA ARG A 54 12.14 3.80 15.29
C ARG A 54 12.29 2.51 14.48
N TYR A 55 13.25 2.54 13.54
CA TYR A 55 13.43 1.43 12.60
C TYR A 55 13.51 0.09 13.33
N GLU A 56 14.44 -0.04 14.28
CA GLU A 56 14.56 -1.31 15.00
C GLU A 56 13.27 -1.66 15.71
N ASP A 57 12.63 -0.67 16.34
CA ASP A 57 11.38 -0.94 17.04
C ASP A 57 10.28 -1.36 16.07
N ALA A 58 10.20 -0.67 14.92
CA ALA A 58 9.21 -1.05 13.92
C ALA A 58 9.44 -2.48 13.43
N ARG A 59 10.67 -2.81 13.07
CA ARG A 59 10.94 -4.14 12.54
C ARG A 59 10.68 -5.23 13.57
N LEU A 60 10.80 -4.91 14.86
CA LEU A 60 10.52 -5.94 15.87
C LEU A 60 9.02 -6.21 15.97
N VAL A 61 8.21 -5.15 15.98
CA VAL A 61 6.77 -5.34 16.06
C VAL A 61 6.25 -6.04 14.82
N LEU A 62 6.82 -5.71 13.65
CA LEU A 62 6.34 -6.31 12.40
C LEU A 62 6.75 -7.78 12.29
N GLY A 63 7.96 -8.12 12.73
CA GLY A 63 8.51 -9.42 12.40
C GLY A 63 8.78 -10.39 13.53
N ASP A 64 8.47 -10.03 14.77
CA ASP A 64 8.70 -10.92 15.89
C ASP A 64 7.42 -11.68 16.22
N ALA A 65 7.52 -13.01 16.23
CA ALA A 65 6.34 -13.87 16.41
C ALA A 65 5.64 -13.63 17.73
N ARG A 66 6.24 -12.90 18.66
CA ARG A 66 5.57 -12.59 19.91
C ARG A 66 4.44 -11.57 19.71
N PHE A 67 4.36 -10.93 18.56
CA PHE A 67 3.23 -10.07 18.23
C PHE A 67 2.27 -10.80 17.29
N SER A 68 0.99 -10.44 17.38
CA SER A 68 -0.07 -11.13 16.67
C SER A 68 -0.96 -10.15 15.93
N ARG A 69 -1.40 -10.56 14.74
CA ARG A 69 -2.51 -9.90 14.05
C ARG A 69 -3.85 -10.56 14.33
N ALA A 70 -3.85 -11.85 14.66
CA ALA A 70 -5.10 -12.56 14.92
C ALA A 70 -5.79 -12.07 16.19
N LEU A 71 -5.00 -11.63 17.19
CA LEU A 71 -5.60 -11.15 18.42
C LEU A 71 -6.41 -9.87 18.24
N SER A 72 -6.37 -9.25 17.06
CA SER A 72 -7.08 -8.00 16.87
CA SER A 72 -7.09 -7.99 16.86
C SER A 72 -8.60 -8.17 16.91
N GLU A 73 -9.11 -9.39 16.72
CA GLU A 73 -10.56 -9.56 16.70
C GLU A 73 -11.13 -9.61 18.11
N GLU A 74 -10.35 -10.04 19.11
CA GLU A 74 -10.78 -9.98 20.50
C GLU A 74 -10.35 -8.68 21.19
N HIS A 75 -10.30 -7.58 20.43
CA HIS A 75 -10.07 -6.24 20.97
C HIS A 75 -10.82 -5.27 20.08
N ASP A 76 -11.10 -4.08 20.61
CA ASP A 76 -11.62 -3.04 19.75
C ASP A 76 -10.41 -2.34 19.12
N PRO A 77 -9.98 -2.76 17.94
CA PRO A 77 -8.67 -2.36 17.43
C PRO A 77 -8.61 -0.87 17.13
N PRO A 78 -7.49 -0.22 17.44
CA PRO A 78 -7.30 1.17 17.01
C PRO A 78 -7.32 1.26 15.49
N ARG A 79 -7.99 2.28 14.98
CA ARG A 79 -8.24 2.37 13.55
C ARG A 79 -8.88 3.73 13.26
N ALA A 80 -8.79 4.14 11.99
CA ALA A 80 -9.35 5.39 11.53
C ALA A 80 -10.71 5.24 10.85
N ARG A 81 -11.20 4.00 10.73
CA ARG A 81 -12.46 3.73 10.08
C ARG A 81 -13.39 3.01 11.04
N LYS A 82 -14.66 3.44 11.05
CA LYS A 82 -15.63 2.89 11.99
C LYS A 82 -15.81 1.38 11.78
N PHE A 83 -15.91 0.96 10.52
CA PHE A 83 -16.29 -0.41 10.18
C PHE A 83 -15.05 -1.30 10.16
N ASN A 84 -15.05 -2.32 11.03
CA ASN A 84 -13.99 -3.32 11.09
C ASN A 84 -14.51 -4.58 10.41
N ALA A 85 -14.25 -4.69 9.11
CA ALA A 85 -14.83 -5.78 8.32
C ALA A 85 -14.42 -7.15 8.85
N GLN A 86 -13.26 -7.25 9.51
CA GLN A 86 -12.74 -8.53 9.98
C GLN A 86 -12.71 -9.54 8.84
N ALA A 87 -12.06 -9.16 7.75
CA ALA A 87 -12.01 -10.00 6.57
C ALA A 87 -11.21 -11.26 6.85
N LYS A 88 -11.58 -12.33 6.14
CA LYS A 88 -10.84 -13.59 6.26
C LYS A 88 -9.65 -13.61 5.30
N SER A 89 -8.77 -12.63 5.47
CA SER A 89 -7.54 -12.55 4.69
C SER A 89 -6.35 -12.97 5.53
N MET A 90 -5.29 -13.41 4.83
CA MET A 90 -4.07 -13.83 5.50
C MET A 90 -3.51 -12.72 6.39
N PHE A 91 -3.71 -11.46 6.01
CA PHE A 91 -3.17 -10.35 6.78
C PHE A 91 -3.81 -10.21 8.16
N ASN A 92 -4.99 -10.79 8.37
CA ASN A 92 -5.65 -10.76 9.67
C ASN A 92 -5.43 -12.03 10.47
N MET A 93 -4.50 -12.89 10.05
CA MET A 93 -4.25 -14.16 10.69
C MET A 93 -2.78 -14.27 11.06
N ASP A 94 -2.48 -15.25 11.92
CA ASP A 94 -1.13 -15.66 12.25
C ASP A 94 -0.88 -17.04 11.66
N ALA A 95 0.33 -17.57 11.88
CA ALA A 95 0.57 -18.96 11.56
C ALA A 95 -0.35 -19.85 12.41
N PRO A 96 -0.71 -21.04 11.93
CA PRO A 96 -0.33 -21.57 10.61
C PRO A 96 -1.31 -21.18 9.52
N ASP A 97 -2.40 -20.51 9.89
CA ASP A 97 -3.42 -20.16 8.91
C ASP A 97 -2.86 -19.21 7.86
N HIS A 98 -2.17 -18.15 8.31
CA HIS A 98 -1.52 -17.24 7.37
C HIS A 98 -0.62 -18.00 6.40
N THR A 99 0.20 -18.93 6.91
CA THR A 99 1.09 -19.68 6.03
C THR A 99 0.31 -20.42 4.95
N ARG A 100 -0.82 -21.01 5.33
CA ARG A 100 -1.64 -21.75 4.36
C ARG A 100 -2.11 -20.85 3.23
N LEU A 101 -2.75 -19.73 3.56
CA LEU A 101 -3.25 -18.84 2.52
C LEU A 101 -2.13 -18.23 1.71
N ARG A 102 -1.09 -17.72 2.38
CA ARG A 102 -0.01 -17.05 1.65
C ARG A 102 0.71 -18.02 0.73
N ARG A 103 0.92 -19.26 1.17
CA ARG A 103 1.62 -20.23 0.34
C ARG A 103 0.89 -20.44 -0.98
N LEU A 104 -0.45 -20.42 -0.95
CA LEU A 104 -1.24 -20.63 -2.15
C LEU A 104 -1.23 -19.41 -3.06
N ILE A 105 -1.61 -18.25 -2.52
CA ILE A 105 -1.80 -17.05 -3.33
C ILE A 105 -0.48 -16.48 -3.80
N SER A 106 0.60 -16.73 -3.06
CA SER A 106 1.87 -16.08 -3.38
C SER A 106 2.40 -16.52 -4.73
N LYS A 107 2.06 -17.73 -5.16
CA LYS A 107 2.61 -18.28 -6.41
C LYS A 107 2.39 -17.36 -7.59
N ALA A 108 1.28 -16.63 -7.60
CA ALA A 108 0.96 -15.74 -8.71
C ALA A 108 1.66 -14.39 -8.63
N PHE A 109 2.45 -14.13 -7.59
CA PHE A 109 2.99 -12.79 -7.39
C PHE A 109 4.49 -12.75 -7.20
N THR A 110 5.18 -13.88 -7.37
CA THR A 110 6.62 -13.90 -7.15
C THR A 110 7.35 -13.20 -8.30
N ILE A 111 8.63 -12.91 -8.08
CA ILE A 111 9.46 -12.34 -9.14
C ILE A 111 9.43 -13.25 -10.37
N ARG A 112 9.67 -14.55 -10.18
CA ARG A 112 9.68 -15.48 -11.30
C ARG A 112 8.37 -15.44 -12.08
N ARG A 113 7.25 -15.20 -11.39
CA ARG A 113 5.94 -15.27 -12.04
C ARG A 113 5.58 -13.98 -12.77
N VAL A 114 5.88 -12.82 -12.17
CA VAL A 114 5.46 -11.55 -12.75
C VAL A 114 6.46 -10.99 -13.76
N GLU A 115 7.70 -11.51 -13.79
CA GLU A 115 8.69 -10.96 -14.71
C GLU A 115 8.22 -11.04 -16.15
N GLU A 116 7.51 -12.10 -16.53
CA GLU A 116 6.96 -12.18 -17.87
C GLU A 116 5.93 -11.10 -18.16
N LEU A 117 5.50 -10.36 -17.14
CA LEU A 117 4.57 -9.25 -17.32
C LEU A 117 5.26 -7.94 -17.67
N ARG A 118 6.57 -7.84 -17.48
CA ARG A 118 7.25 -6.58 -17.75
C ARG A 118 7.01 -6.07 -19.16
N PRO A 119 7.15 -6.88 -20.22
CA PRO A 119 6.87 -6.36 -21.57
C PRO A 119 5.45 -5.85 -21.74
N LYS A 120 4.46 -6.53 -21.16
CA LYS A 120 3.09 -6.03 -21.26
C LYS A 120 2.93 -4.70 -20.55
N VAL A 121 3.57 -4.53 -19.40
CA VAL A 121 3.50 -3.24 -18.69
C VAL A 121 4.23 -2.17 -19.49
N HIS A 122 5.47 -2.46 -19.88
CA HIS A 122 6.24 -1.54 -20.71
C HIS A 122 5.41 -1.02 -21.87
N ASP A 123 4.86 -1.95 -22.66
CA ASP A 123 4.06 -1.57 -23.84
C ASP A 123 2.82 -0.78 -23.44
N LEU A 124 2.18 -1.15 -22.34
CA LEU A 124 1.00 -0.41 -21.89
C LEU A 124 1.37 1.03 -21.57
N ALA A 125 2.46 1.24 -20.83
CA ALA A 125 2.88 2.59 -20.50
C ALA A 125 3.11 3.43 -21.76
N HIS A 126 3.80 2.87 -22.76
CA HIS A 126 4.09 3.63 -23.97
C HIS A 126 2.81 3.90 -24.75
N ARG A 127 1.90 2.93 -24.78
CA ARG A 127 0.62 3.15 -25.44
C ARG A 127 -0.15 4.27 -24.74
N LEU A 128 -0.16 4.27 -23.40
CA LEU A 128 -0.82 5.36 -22.69
C LEU A 128 -0.15 6.69 -23.00
N ILE A 129 1.18 6.70 -23.10
CA ILE A 129 1.90 7.92 -23.44
C ILE A 129 1.61 8.35 -24.87
N ASP A 130 1.48 7.39 -25.79
CA ASP A 130 1.06 7.77 -27.14
C ASP A 130 -0.25 8.55 -27.10
N ASP A 131 -1.21 8.08 -26.30
CA ASP A 131 -2.51 8.74 -26.21
C ASP A 131 -2.39 10.13 -25.60
N MET A 132 -1.56 10.28 -24.57
CA MET A 132 -1.37 11.60 -23.98
C MET A 132 -0.75 12.57 -24.97
N LEU A 133 0.24 12.12 -25.74
CA LEU A 133 0.83 12.98 -26.75
C LEU A 133 -0.19 13.36 -27.81
N ALA A 134 -0.91 12.36 -28.33
CA ALA A 134 -1.91 12.62 -29.35
C ALA A 134 -2.91 13.67 -28.89
N LYS A 135 -3.42 13.54 -27.66
CA LYS A 135 -4.43 14.48 -27.18
C LYS A 135 -3.87 15.90 -27.06
N GLY A 136 -2.62 16.03 -26.62
CA GLY A 136 -2.00 17.33 -26.40
C GLY A 136 -2.09 17.79 -24.97
N GLU A 137 -1.08 18.51 -24.46
CA GLU A 137 -1.11 18.89 -23.08
C GLU A 137 -2.24 19.89 -22.82
N PRO A 138 -2.73 19.94 -21.57
CA PRO A 138 -2.23 19.13 -20.47
C PRO A 138 -2.89 17.75 -20.38
N ALA A 139 -2.23 16.84 -19.67
CA ALA A 139 -2.78 15.53 -19.35
C ALA A 139 -2.87 15.39 -17.84
N ASP A 140 -3.71 14.46 -17.40
CA ASP A 140 -3.81 14.11 -15.99
C ASP A 140 -3.01 12.83 -15.77
N LEU A 141 -1.84 12.98 -15.14
CA LEU A 141 -0.94 11.85 -14.97
C LEU A 141 -1.57 10.72 -14.16
N VAL A 142 -2.65 10.99 -13.43
CA VAL A 142 -3.34 9.95 -12.67
C VAL A 142 -4.29 9.22 -13.59
N ALA A 143 -5.35 9.90 -14.02
CA ALA A 143 -6.40 9.24 -14.80
C ALA A 143 -5.87 8.73 -16.14
N ASP A 144 -4.84 9.37 -16.70
CA ASP A 144 -4.36 9.03 -18.02
C ASP A 144 -3.16 8.10 -18.02
N TYR A 145 -2.63 7.74 -16.86
CA TYR A 145 -1.39 6.97 -16.80
C TYR A 145 -1.28 6.15 -15.53
N ALA A 146 -1.24 6.82 -14.38
CA ALA A 146 -1.00 6.13 -13.12
C ALA A 146 -2.09 5.11 -12.79
N LEU A 147 -3.34 5.40 -13.17
CA LEU A 147 -4.43 4.51 -12.79
C LEU A 147 -4.57 3.36 -13.78
N PRO A 148 -4.61 3.63 -15.09
CA PRO A 148 -4.82 2.54 -16.06
C PRO A 148 -3.77 1.43 -15.98
N ILE A 149 -2.53 1.75 -15.66
CA ILE A 149 -1.46 0.76 -15.66
C ILE A 149 -1.75 -0.33 -14.62
N PRO A 150 -1.77 0.01 -13.33
CA PRO A 150 -2.00 -1.04 -12.33
C PRO A 150 -3.40 -1.62 -12.39
N THR A 151 -4.39 -0.84 -12.82
CA THR A 151 -5.74 -1.37 -12.95
C THR A 151 -5.80 -2.44 -14.03
N THR A 152 -5.19 -2.17 -15.20
CA THR A 152 -5.14 -3.17 -16.26
C THR A 152 -4.50 -4.45 -15.77
N VAL A 153 -3.34 -4.35 -15.11
CA VAL A 153 -2.61 -5.55 -14.70
C VAL A 153 -3.44 -6.40 -13.75
N ILE A 154 -3.99 -5.77 -12.70
CA ILE A 154 -4.65 -6.56 -11.66
C ILE A 154 -5.94 -7.16 -12.19
N CYS A 155 -6.68 -6.40 -13.01
CA CYS A 155 -7.89 -6.95 -13.61
C CYS A 155 -7.58 -8.22 -14.39
N GLU A 156 -6.55 -8.18 -15.25
CA GLU A 156 -6.24 -9.33 -16.08
C GLU A 156 -5.56 -10.44 -15.29
N LEU A 157 -4.72 -10.09 -14.31
CA LEU A 157 -4.16 -11.12 -13.42
C LEU A 157 -5.26 -11.76 -12.58
N LEU A 158 -6.11 -10.94 -11.95
CA LEU A 158 -7.14 -11.47 -11.07
CA LEU A 158 -7.14 -11.47 -11.07
C LEU A 158 -8.31 -12.07 -11.84
N GLY A 159 -8.73 -11.41 -12.92
CA GLY A 159 -9.88 -11.84 -13.66
C GLY A 159 -11.12 -11.02 -13.40
N VAL A 160 -10.97 -9.74 -13.08
CA VAL A 160 -12.09 -8.83 -12.88
C VAL A 160 -12.20 -7.94 -14.11
N PRO A 161 -13.39 -7.76 -14.67
CA PRO A 161 -13.51 -7.02 -15.94
C PRO A 161 -12.94 -5.61 -15.82
N PHE A 162 -12.09 -5.26 -16.79
CA PHE A 162 -11.52 -3.91 -16.80
C PHE A 162 -12.60 -2.86 -16.98
N GLU A 163 -13.68 -3.21 -17.68
CA GLU A 163 -14.75 -2.24 -17.97
C GLU A 163 -15.52 -1.82 -16.74
N ASP A 164 -15.34 -2.51 -15.61
CA ASP A 164 -16.05 -2.17 -14.38
C ASP A 164 -15.20 -1.31 -13.45
N ARG A 165 -14.08 -0.75 -13.94
CA ARG A 165 -13.15 -0.07 -13.03
C ARG A 165 -13.79 1.17 -12.42
N GLU A 166 -14.61 1.89 -13.19
CA GLU A 166 -15.35 3.00 -12.62
C GLU A 166 -16.24 2.54 -11.47
N LYS A 167 -16.90 1.39 -11.62
CA LYS A 167 -17.81 0.92 -10.58
C LYS A 167 -17.05 0.49 -9.33
N PHE A 168 -16.06 -0.39 -9.47
CA PHE A 168 -15.31 -0.79 -8.27
C PHE A 168 -14.32 0.28 -7.84
N GLY A 169 -14.00 1.24 -8.71
CA GLY A 169 -13.27 2.41 -8.26
C GLY A 169 -14.08 3.25 -7.30
N ARG A 170 -15.36 3.45 -7.60
CA ARG A 170 -16.22 4.19 -6.69
C ARG A 170 -16.37 3.48 -5.36
N TRP A 171 -16.49 2.15 -5.38
CA TRP A 171 -16.57 1.39 -4.13
C TRP A 171 -15.28 1.50 -3.34
N THR A 172 -14.13 1.50 -4.04
CA THR A 172 -12.85 1.63 -3.35
C THR A 172 -12.77 2.96 -2.61
N ASP A 173 -13.11 4.06 -3.29
CA ASP A 173 -13.07 5.36 -2.66
C ASP A 173 -13.84 5.38 -1.36
N ALA A 174 -15.03 4.77 -1.34
CA ALA A 174 -15.84 4.75 -0.12
C ALA A 174 -15.24 3.85 0.95
N ILE A 175 -14.58 2.76 0.55
CA ILE A 175 -14.03 1.82 1.52
C ILE A 175 -12.78 2.39 2.19
N LEU A 176 -12.06 3.27 1.49
CA LEU A 176 -10.83 3.87 2.01
C LEU A 176 -11.05 5.23 2.65
N SER A 177 -12.28 5.74 2.65
CA SER A 177 -12.56 7.06 3.18
C SER A 177 -12.53 7.04 4.70
N THR A 178 -11.91 8.07 5.28
CA THR A 178 -11.93 8.29 6.72
C THR A 178 -12.76 9.52 7.09
N SER A 179 -13.50 10.08 6.14
CA SER A 179 -14.37 11.21 6.42
C SER A 179 -15.47 10.81 7.41
N THR A 180 -15.64 11.63 8.46
CA THR A 180 -16.64 11.31 9.47
C THR A 180 -18.05 11.48 8.93
N LEU A 181 -18.24 12.33 7.92
CA LEU A 181 -19.53 12.45 7.27
C LEU A 181 -19.80 11.21 6.42
N ASN A 182 -21.08 10.84 6.33
CA ASN A 182 -21.49 9.59 5.71
C ASN A 182 -20.73 8.43 6.35
N PRO A 183 -20.84 8.26 7.67
CA PRO A 183 -19.97 7.30 8.36
C PRO A 183 -20.36 5.85 8.11
N GLU A 184 -21.30 5.63 7.19
CA GLU A 184 -21.77 4.30 6.86
C GLU A 184 -21.51 3.90 5.41
N GLU A 185 -21.16 4.85 4.53
CA GLU A 185 -20.91 4.52 3.13
C GLU A 185 -19.91 3.38 2.99
N GLY A 186 -18.96 3.28 3.90
CA GLY A 186 -17.95 2.23 3.82
C GLY A 186 -18.54 0.85 3.88
N ARG A 187 -19.16 0.52 5.02
CA ARG A 187 -19.74 -0.80 5.18
C ARG A 187 -20.82 -1.07 4.14
N VAL A 188 -21.56 -0.04 3.74
CA VAL A 188 -22.59 -0.22 2.72
C VAL A 188 -21.96 -0.58 1.38
N LYS A 189 -20.95 0.20 0.96
CA LYS A 189 -20.33 -0.02 -0.34
C LYS A 189 -19.46 -1.26 -0.38
N ARG A 190 -18.86 -1.66 0.74
CA ARG A 190 -18.12 -2.92 0.74
C ARG A 190 -19.06 -4.10 0.51
N MET A 191 -20.26 -4.03 1.07
CA MET A 191 -21.23 -5.11 0.85
C MET A 191 -21.62 -5.17 -0.62
N GLU A 192 -21.83 -4.02 -1.25
CA GLU A 192 -22.07 -3.98 -2.69
C GLU A 192 -20.90 -4.56 -3.45
N LEU A 193 -19.68 -4.29 -2.99
CA LEU A 193 -18.51 -4.92 -3.59
C LEU A 193 -18.46 -6.41 -3.31
N VAL A 194 -18.98 -6.84 -2.15
CA VAL A 194 -19.07 -8.26 -1.86
C VAL A 194 -19.98 -8.96 -2.86
N GLY A 195 -21.13 -8.35 -3.14
CA GLY A 195 -22.04 -8.93 -4.12
C GLY A 195 -21.44 -8.98 -5.50
N TYR A 196 -20.79 -7.89 -5.92
CA TYR A 196 -20.16 -7.87 -7.24
C TYR A 196 -19.11 -8.98 -7.36
N ILE A 197 -18.21 -9.08 -6.37
CA ILE A 197 -17.16 -10.09 -6.44
C ILE A 197 -17.75 -11.50 -6.37
N GLY A 198 -18.77 -11.68 -5.55
CA GLY A 198 -19.47 -12.95 -5.53
C GLY A 198 -20.04 -13.33 -6.87
N GLY A 199 -20.53 -12.34 -7.64
CA GLY A 199 -21.01 -12.63 -8.97
C GLY A 199 -19.89 -13.08 -9.90
N ILE A 200 -18.71 -12.47 -9.78
N ILE A 200 -18.71 -12.47 -9.77
CA ILE A 200 -17.58 -12.88 -10.60
CA ILE A 200 -17.58 -12.88 -10.60
C ILE A 200 -17.13 -14.28 -10.23
C ILE A 200 -17.13 -14.28 -10.22
N ILE A 201 -16.99 -14.56 -8.92
CA ILE A 201 -16.56 -15.88 -8.48
C ILE A 201 -17.54 -16.94 -8.97
N ALA A 202 -18.84 -16.67 -8.87
CA ALA A 202 -19.84 -17.62 -9.33
C ALA A 202 -19.66 -17.91 -10.82
N ALA A 203 -19.46 -16.87 -11.63
CA ALA A 203 -19.28 -17.07 -13.06
C ALA A 203 -18.02 -17.87 -13.37
N ARG A 204 -16.96 -17.65 -12.61
CA ARG A 204 -15.72 -18.40 -12.85
C ARG A 204 -15.87 -19.86 -12.44
N ARG A 205 -16.56 -20.10 -11.33
CA ARG A 205 -16.82 -21.49 -10.94
C ARG A 205 -17.65 -22.19 -12.00
N ALA A 206 -18.65 -21.50 -12.56
CA ALA A 206 -19.44 -22.06 -13.65
C ALA A 206 -18.57 -22.33 -14.86
N GLN A 207 -17.84 -21.30 -15.31
CA GLN A 207 -17.06 -21.36 -16.55
C GLN A 207 -15.66 -20.85 -16.26
N PRO A 208 -14.72 -21.74 -15.98
CA PRO A 208 -13.37 -21.30 -15.60
C PRO A 208 -12.68 -20.51 -16.69
N ALA A 209 -11.71 -19.68 -16.28
CA ALA A 209 -10.88 -18.93 -17.21
C ALA A 209 -9.42 -19.04 -16.78
N ASP A 210 -8.54 -18.30 -17.44
CA ASP A 210 -7.11 -18.33 -17.13
C ASP A 210 -6.73 -17.12 -16.27
N ASP A 211 -7.29 -17.09 -15.06
CA ASP A 211 -7.07 -16.00 -14.14
C ASP A 211 -6.95 -16.56 -12.73
N LEU A 212 -6.50 -15.71 -11.80
CA LEU A 212 -6.20 -16.19 -10.45
C LEU A 212 -7.46 -16.61 -9.70
N ILE A 213 -8.61 -15.98 -10.00
CA ILE A 213 -9.86 -16.38 -9.35
C ILE A 213 -10.17 -17.83 -9.66
N SER A 214 -10.09 -18.21 -10.94
CA SER A 214 -10.29 -19.59 -11.33
C SER A 214 -9.28 -20.52 -10.65
N GLY A 215 -8.02 -20.08 -10.58
CA GLY A 215 -7.02 -20.87 -9.87
C GLY A 215 -7.35 -21.05 -8.40
N MET A 216 -7.86 -19.99 -7.76
CA MET A 216 -8.25 -20.09 -6.36
C MET A 216 -9.47 -20.97 -6.19
N ILE A 217 -10.47 -20.81 -7.05
CA ILE A 217 -11.64 -21.70 -7.03
C ILE A 217 -11.19 -23.16 -7.07
N GLU A 218 -10.27 -23.48 -7.98
CA GLU A 218 -9.79 -24.86 -8.10
C GLU A 218 -9.15 -25.32 -6.79
N ALA A 219 -8.33 -24.47 -6.17
CA ALA A 219 -7.73 -24.83 -4.89
C ALA A 219 -8.79 -25.01 -3.81
N ARG A 220 -9.94 -24.34 -3.96
CA ARG A 220 -11.01 -24.49 -2.98
C ARG A 220 -11.87 -25.71 -3.28
N ASP A 221 -12.39 -25.79 -4.51
CA ASP A 221 -13.33 -26.86 -4.85
C ASP A 221 -12.65 -28.22 -4.96
N VAL A 222 -11.36 -28.25 -5.30
CA VAL A 222 -10.64 -29.49 -5.55
C VAL A 222 -9.71 -29.85 -4.39
N GLN A 223 -8.90 -28.90 -3.92
CA GLN A 223 -7.89 -29.17 -2.91
C GLN A 223 -8.34 -28.81 -1.49
N ASP A 224 -9.49 -28.15 -1.34
CA ASP A 224 -9.96 -27.73 -0.02
C ASP A 224 -8.86 -27.06 0.78
N LYS A 225 -8.19 -26.09 0.16
CA LYS A 225 -7.11 -25.37 0.81
C LYS A 225 -7.56 -24.05 1.43
N LEU A 226 -8.76 -23.58 1.11
CA LEU A 226 -9.27 -22.34 1.69
C LEU A 226 -10.79 -22.36 1.66
N THR A 227 -11.40 -21.53 2.51
CA THR A 227 -12.84 -21.47 2.60
C THR A 227 -13.40 -20.56 1.51
N GLU A 228 -14.70 -20.70 1.25
CA GLU A 228 -15.35 -19.79 0.32
C GLU A 228 -15.26 -18.34 0.80
N GLN A 229 -15.26 -18.13 2.11
CA GLN A 229 -15.13 -16.79 2.67
C GLN A 229 -13.73 -16.24 2.45
N GLU A 230 -12.71 -17.06 2.72
CA GLU A 230 -11.34 -16.63 2.47
C GLU A 230 -11.15 -16.29 1.00
N LEU A 231 -11.67 -17.11 0.10
CA LEU A 231 -11.52 -16.86 -1.33
C LEU A 231 -12.05 -15.48 -1.70
N LEU A 232 -13.25 -15.14 -1.20
CA LEU A 232 -13.86 -13.88 -1.59
C LEU A 232 -13.13 -12.68 -1.00
N ASP A 233 -12.72 -12.77 0.27
CA ASP A 233 -12.09 -11.61 0.88
C ASP A 233 -10.72 -11.33 0.28
N HIS A 234 -10.00 -12.38 -0.14
CA HIS A 234 -8.74 -12.16 -0.84
C HIS A 234 -8.97 -11.53 -2.20
N CYS A 235 -10.05 -11.90 -2.90
CA CYS A 235 -10.36 -11.23 -4.15
C CYS A 235 -10.59 -9.75 -3.92
N ILE A 236 -11.29 -9.40 -2.83
CA ILE A 236 -11.55 -8.00 -2.54
C ILE A 236 -10.24 -7.26 -2.27
N GLY A 237 -9.41 -7.80 -1.37
CA GLY A 237 -8.17 -7.12 -1.03
C GLY A 237 -7.23 -6.99 -2.21
N LEU A 238 -7.03 -8.10 -2.94
CA LEU A 238 -6.13 -8.07 -4.09
C LEU A 238 -6.60 -7.07 -5.13
N LEU A 239 -7.92 -6.97 -5.33
CA LEU A 239 -8.43 -6.04 -6.32
C LEU A 239 -8.18 -4.59 -5.88
N ILE A 240 -8.40 -4.29 -4.59
CA ILE A 240 -8.19 -2.92 -4.11
C ILE A 240 -6.71 -2.58 -4.13
N LEU A 241 -5.89 -3.33 -3.40
CA LEU A 241 -4.45 -3.08 -3.35
C LEU A 241 -3.84 -3.15 -4.73
N GLY A 242 -4.32 -4.08 -5.57
CA GLY A 242 -3.74 -4.25 -6.88
C GLY A 242 -3.70 -2.98 -7.70
N HIS A 243 -4.71 -2.12 -7.56
CA HIS A 243 -4.80 -0.93 -8.39
C HIS A 243 -4.67 0.37 -7.63
N GLU A 244 -5.18 0.46 -6.40
CA GLU A 244 -5.13 1.73 -5.69
C GLU A 244 -3.70 2.07 -5.25
N THR A 245 -2.96 1.09 -4.72
CA THR A 245 -1.64 1.39 -4.17
C THR A 245 -0.71 1.95 -5.25
N THR A 246 -0.53 1.20 -6.33
CA THR A 246 0.36 1.66 -7.39
C THR A 246 -0.14 2.95 -8.02
N ALA A 247 -1.46 3.12 -8.12
CA ALA A 247 -1.99 4.35 -8.66
C ALA A 247 -1.63 5.55 -7.79
N SER A 248 -1.48 5.33 -6.48
CA SER A 248 -1.04 6.41 -5.60
C SER A 248 0.45 6.69 -5.74
N GLN A 249 1.25 5.64 -5.81
CA GLN A 249 2.71 5.81 -5.74
C GLN A 249 3.26 6.42 -7.02
N ILE A 250 2.76 5.99 -8.18
CA ILE A 250 3.28 6.52 -9.43
C ILE A 250 3.27 8.05 -9.44
N PRO A 251 2.16 8.72 -9.16
CA PRO A 251 2.18 10.20 -9.21
C PRO A 251 2.98 10.83 -8.09
N SER A 252 2.99 10.22 -6.90
CA SER A 252 3.83 10.73 -5.82
C SER A 252 5.31 10.56 -6.14
N PHE A 253 5.69 9.41 -6.71
CA PHE A 253 7.08 9.22 -7.13
C PHE A 253 7.49 10.30 -8.13
N VAL A 254 6.67 10.54 -9.16
CA VAL A 254 7.03 11.52 -10.18
C VAL A 254 7.08 12.91 -9.57
N TYR A 255 6.18 13.20 -8.63
CA TYR A 255 6.21 14.51 -7.97
C TYR A 255 7.53 14.70 -7.23
N ALA A 256 7.96 13.68 -6.47
CA ALA A 256 9.23 13.79 -5.76
C ALA A 256 10.38 14.03 -6.72
N LEU A 257 10.41 13.31 -7.84
CA LEU A 257 11.50 13.46 -8.79
C LEU A 257 11.46 14.83 -9.47
N LEU A 258 10.27 15.39 -9.65
CA LEU A 258 10.15 16.71 -10.27
C LEU A 258 10.36 17.84 -9.27
N ASP A 259 9.94 17.64 -8.02
CA ASP A 259 10.12 18.66 -7.00
C ASP A 259 11.59 19.02 -6.84
N GLN A 260 12.46 17.99 -6.74
CA GLN A 260 13.91 18.18 -6.73
C GLN A 260 14.46 17.71 -8.06
N PRO A 261 14.40 18.55 -9.10
CA PRO A 261 14.62 18.07 -10.47
C PRO A 261 16.01 17.50 -10.72
N GLN A 262 16.95 17.61 -9.78
CA GLN A 262 18.23 16.94 -9.98
C GLN A 262 18.03 15.43 -10.03
N HIS A 263 17.07 14.92 -9.27
CA HIS A 263 16.79 13.49 -9.28
C HIS A 263 16.24 13.05 -10.63
N TRP A 264 15.23 13.75 -11.14
CA TRP A 264 14.72 13.45 -12.47
C TRP A 264 15.83 13.47 -13.51
N LYS A 265 16.76 14.43 -13.40
CA LYS A 265 17.82 14.53 -14.40
C LYS A 265 18.80 13.39 -14.30
N ARG A 266 19.13 12.96 -13.07
CA ARG A 266 20.03 11.82 -12.92
C ARG A 266 19.46 10.59 -13.59
N LEU A 267 18.17 10.32 -13.41
CA LEU A 267 17.55 9.17 -14.06
C LEU A 267 17.48 9.34 -15.56
N LEU A 268 17.38 10.57 -16.05
CA LEU A 268 17.46 10.81 -17.48
C LEU A 268 18.84 10.45 -18.02
N ASP A 269 19.89 10.67 -17.21
CA ASP A 269 21.25 10.38 -17.63
C ASP A 269 21.68 8.95 -17.32
N ASP A 270 21.08 8.30 -16.32
CA ASP A 270 21.51 6.99 -15.86
C ASP A 270 20.29 6.11 -15.61
N PRO A 271 19.61 5.68 -16.69
CA PRO A 271 18.42 4.83 -16.51
C PRO A 271 18.71 3.54 -15.74
N GLU A 272 19.94 3.03 -15.79
CA GLU A 272 20.30 1.84 -15.03
C GLU A 272 20.12 2.03 -13.52
N LEU A 273 19.99 3.27 -13.06
CA LEU A 273 19.75 3.53 -11.65
C LEU A 273 18.27 3.40 -11.26
N ILE A 274 17.38 3.14 -12.23
CA ILE A 274 15.94 3.13 -11.91
C ILE A 274 15.61 2.16 -10.79
N PRO A 275 16.07 0.91 -10.79
CA PRO A 275 15.70 0.01 -9.68
C PRO A 275 16.09 0.55 -8.31
N SER A 276 17.34 0.99 -8.16
CA SER A 276 17.77 1.56 -6.90
C SER A 276 16.97 2.81 -6.54
N ALA A 277 16.66 3.63 -7.56
CA ALA A 277 15.83 4.81 -7.33
C ALA A 277 14.43 4.44 -6.85
N VAL A 278 13.82 3.42 -7.46
CA VAL A 278 12.50 2.98 -7.03
C VAL A 278 12.53 2.55 -5.57
N GLU A 279 13.59 1.84 -5.17
CA GLU A 279 13.72 1.44 -3.78
C GLU A 279 13.80 2.66 -2.87
N GLU A 280 14.59 3.66 -3.25
CA GLU A 280 14.73 4.85 -2.43
C GLU A 280 13.39 5.56 -2.25
N LEU A 281 12.63 5.70 -3.34
CA LEU A 281 11.33 6.34 -3.29
C LEU A 281 10.31 5.52 -2.50
N PHE A 282 10.40 4.18 -2.54
CA PHE A 282 9.55 3.39 -1.66
C PHE A 282 9.87 3.63 -0.20
N ARG A 283 11.11 4.07 0.11
CA ARG A 283 11.46 4.37 1.49
C ARG A 283 10.99 5.76 1.89
N PHE A 284 11.10 6.71 0.98
CA PHE A 284 10.79 8.11 1.27
C PHE A 284 9.31 8.42 1.07
N VAL A 285 8.73 7.98 -0.04
CA VAL A 285 7.36 8.37 -0.40
C VAL A 285 6.36 7.60 0.44
N PRO A 286 5.58 8.26 1.30
CA PRO A 286 4.61 7.53 2.13
C PRO A 286 3.39 7.12 1.32
N LEU A 287 2.98 5.87 1.49
CA LEU A 287 1.75 5.38 0.87
C LEU A 287 0.55 5.69 1.76
N GLY A 288 0.59 5.22 3.00
CA GLY A 288 -0.50 5.40 3.92
C GLY A 288 -0.49 6.74 4.63
N SER A 289 -1.67 7.16 5.05
CA SER A 289 -1.83 8.39 5.83
C SER A 289 -1.68 8.16 7.32
N GLY A 290 -1.68 6.91 7.77
CA GLY A 290 -1.54 6.62 9.18
C GLY A 290 -0.41 5.66 9.47
N SER A 291 -0.71 4.57 10.18
CA SER A 291 0.29 3.56 10.53
C SER A 291 -0.24 2.17 10.24
N ALA A 292 0.69 1.22 10.14
CA ALA A 292 0.33 -0.16 9.88
C ALA A 292 -0.66 -0.68 10.90
N ALA A 293 -1.46 -1.66 10.49
CA ALA A 293 -2.48 -2.30 11.32
C ALA A 293 -1.88 -2.70 12.67
N PRO A 294 -2.67 -2.66 13.74
CA PRO A 294 -2.11 -2.93 15.07
C PRO A 294 -1.67 -4.38 15.23
N ARG A 295 -0.54 -4.55 15.93
CA ARG A 295 -0.07 -5.83 16.41
C ARG A 295 -0.28 -5.90 17.91
N TYR A 296 -0.74 -7.06 18.38
CA TYR A 296 -1.02 -7.26 19.80
C TYR A 296 0.01 -8.23 20.38
N ALA A 297 0.49 -7.93 21.58
CA ALA A 297 1.51 -8.74 22.21
C ALA A 297 0.90 -9.98 22.83
N ARG A 298 1.46 -11.14 22.51
CA ARG A 298 0.98 -12.40 23.09
C ARG A 298 1.51 -12.59 24.51
N GLU A 299 2.70 -12.08 24.79
CA GLU A 299 3.31 -12.11 26.10
C GLU A 299 3.89 -10.74 26.39
N ASP A 300 4.39 -10.55 27.61
CA ASP A 300 5.04 -9.30 27.95
C ASP A 300 6.41 -9.22 27.26
N ILE A 301 6.68 -8.07 26.64
CA ILE A 301 7.94 -7.85 25.93
C ILE A 301 8.27 -6.37 25.94
N GLU A 302 9.55 -6.06 25.75
CA GLU A 302 10.06 -4.70 25.77
C GLU A 302 10.35 -4.23 24.36
N VAL A 303 9.76 -3.11 23.96
CA VAL A 303 9.91 -2.55 22.63
C VAL A 303 10.46 -1.14 22.77
N GLY A 304 11.75 -0.97 22.49
CA GLY A 304 12.37 0.34 22.54
C GLY A 304 12.27 1.02 23.89
N GLY A 305 12.56 0.28 24.96
CA GLY A 305 12.53 0.80 26.31
C GLY A 305 11.18 0.67 27.01
N THR A 306 10.09 0.78 26.26
CA THR A 306 8.76 0.60 26.82
C THR A 306 8.44 -0.89 26.92
N LEU A 307 7.78 -1.26 28.02
CA LEU A 307 7.30 -2.62 28.20
C LEU A 307 5.87 -2.68 27.66
N VAL A 308 5.72 -3.23 26.46
CA VAL A 308 4.39 -3.39 25.88
C VAL A 308 3.62 -4.40 26.71
N ARG A 309 2.45 -3.99 27.18
CA ARG A 309 1.64 -4.83 28.06
C ARG A 309 0.95 -5.92 27.24
N ALA A 310 1.18 -7.18 27.63
CA ALA A 310 0.56 -8.31 26.96
C ALA A 310 -0.93 -8.07 26.75
N GLY A 311 -1.34 -7.87 25.50
CA GLY A 311 -2.71 -7.56 25.17
C GLY A 311 -2.91 -6.16 24.61
N GLU A 312 -1.85 -5.32 24.59
CA GLU A 312 -2.03 -3.96 24.09
C GLU A 312 -1.62 -3.86 22.64
N PRO A 313 -2.19 -2.88 21.93
CA PRO A 313 -1.87 -2.71 20.51
C PRO A 313 -0.69 -1.79 20.27
N VAL A 314 0.18 -2.22 19.36
CA VAL A 314 1.33 -1.43 18.94
C VAL A 314 1.19 -1.17 17.44
N LEU A 315 1.16 0.11 17.07
CA LEU A 315 1.12 0.52 15.68
C LEU A 315 2.54 0.85 15.21
N VAL A 316 2.78 0.69 13.91
CA VAL A 316 4.08 0.91 13.31
C VAL A 316 3.94 2.02 12.28
N ALA A 317 4.70 3.09 12.46
CA ALA A 317 4.71 4.22 11.52
C ALA A 317 5.80 3.94 10.49
N LEU A 318 5.43 3.20 9.45
CA LEU A 318 6.41 2.75 8.47
C LEU A 318 7.17 3.93 7.88
N GLY A 319 6.45 4.95 7.43
CA GLY A 319 7.10 6.11 6.86
C GLY A 319 8.06 6.78 7.82
N ALA A 320 7.74 6.76 9.12
CA ALA A 320 8.62 7.34 10.12
C ALA A 320 9.86 6.48 10.31
N ALA A 321 9.68 5.16 10.45
CA ALA A 321 10.82 4.27 10.58
C ALA A 321 11.69 4.26 9.34
N ASN A 322 11.13 4.58 8.17
CA ASN A 322 11.92 4.72 6.95
C ASN A 322 12.77 5.98 6.95
N ARG A 323 12.47 6.94 7.82
CA ARG A 323 13.27 8.14 7.97
C ARG A 323 13.97 8.19 9.32
N ASP A 324 14.22 7.01 9.91
CA ASP A 324 14.96 6.93 11.17
C ASP A 324 16.44 7.19 10.89
N GLY A 325 16.94 8.33 11.36
CA GLY A 325 18.33 8.68 11.14
C GLY A 325 19.30 7.69 11.75
N LEU A 326 18.83 6.86 12.68
CA LEU A 326 19.68 5.85 13.28
C LEU A 326 19.97 4.69 12.33
N ARG A 327 19.26 4.61 11.22
CA ARG A 327 19.43 3.55 10.24
C ARG A 327 19.78 4.06 8.85
N PHE A 328 19.33 5.26 8.48
CA PHE A 328 19.55 5.80 7.14
C PHE A 328 20.21 7.17 7.27
N GLU A 329 21.44 7.28 6.78
CA GLU A 329 22.15 8.55 6.85
C GLU A 329 21.46 9.60 5.98
N ASP A 330 21.26 10.79 6.54
CA ASP A 330 20.52 11.87 5.88
C ASP A 330 19.11 11.39 5.56
N PRO A 331 18.36 10.94 6.56
CA PRO A 331 17.10 10.24 6.26
C PRO A 331 16.10 11.07 5.48
N GLU A 332 16.18 12.39 5.58
CA GLU A 332 15.21 13.27 4.92
C GLU A 332 15.63 13.66 3.51
N GLU A 333 16.82 13.25 3.08
CA GLU A 333 17.27 13.47 1.70
C GLU A 333 16.95 12.24 0.85
N ILE A 334 16.66 12.50 -0.42
CA ILE A 334 16.48 11.46 -1.42
C ILE A 334 17.85 11.13 -2.00
N LYS A 335 18.32 9.90 -1.79
CA LYS A 335 19.57 9.43 -2.38
C LYS A 335 19.23 8.26 -3.29
N LEU A 336 19.14 8.53 -4.60
CA LEU A 336 18.71 7.51 -5.55
C LEU A 336 19.63 6.30 -5.53
N ASP A 337 20.84 6.44 -5.02
CA ASP A 337 21.80 5.35 -4.96
C ASP A 337 22.12 4.95 -3.52
N ARG A 338 21.14 5.06 -2.64
CA ARG A 338 21.34 4.67 -1.25
C ARG A 338 21.71 3.20 -1.17
N PRO A 339 22.77 2.83 -0.47
CA PRO A 339 23.16 1.43 -0.36
C PRO A 339 22.44 0.73 0.79
N SER A 340 22.35 -0.60 0.67
N SER A 340 22.37 -0.59 0.68
CA SER A 340 21.72 -1.43 1.68
CA SER A 340 21.70 -1.43 1.68
C SER A 340 20.39 -0.81 2.13
C SER A 340 20.39 -0.81 2.13
N ASN A 341 19.58 -0.42 1.15
CA ASN A 341 18.35 0.34 1.40
C ASN A 341 17.21 -0.60 1.79
N HIS A 342 17.37 -1.21 2.96
CA HIS A 342 16.39 -2.19 3.45
C HIS A 342 15.26 -1.50 4.22
N HIS A 343 14.58 -0.59 3.51
CA HIS A 343 13.41 0.08 4.03
C HIS A 343 12.29 -0.93 4.31
N ILE A 344 11.30 -0.48 5.09
CA ILE A 344 10.14 -1.31 5.37
C ILE A 344 8.93 -0.72 4.68
N GLY A 345 9.14 -0.09 3.52
CA GLY A 345 8.03 0.40 2.72
C GLY A 345 7.07 -0.70 2.33
N PHE A 346 7.59 -1.91 2.09
CA PHE A 346 6.77 -3.07 1.81
C PHE A 346 6.56 -3.93 3.05
N GLY A 347 6.68 -3.34 4.23
CA GLY A 347 6.63 -4.09 5.47
C GLY A 347 7.90 -4.91 5.68
N HIS A 348 7.77 -5.91 6.55
CA HIS A 348 8.90 -6.75 6.96
C HIS A 348 8.42 -7.96 7.76
N GLY A 349 8.93 -9.15 7.42
CA GLY A 349 8.57 -10.35 8.14
C GLY A 349 7.36 -11.07 7.61
N ILE A 350 6.65 -11.77 8.50
CA ILE A 350 5.58 -12.69 8.13
C ILE A 350 4.63 -12.04 7.12
N HIS A 351 4.24 -10.78 7.34
CA HIS A 351 3.28 -10.12 6.47
C HIS A 351 3.93 -9.17 5.47
N HIS A 352 5.20 -9.40 5.12
N HIS A 352 5.20 -9.42 5.11
CA HIS A 352 5.86 -8.61 4.09
CA HIS A 352 5.84 -8.57 4.11
C HIS A 352 5.01 -8.61 2.81
C HIS A 352 5.05 -8.61 2.80
N CYS A 353 4.87 -7.44 2.21
CA CYS A 353 3.99 -7.27 1.05
C CYS A 353 4.18 -8.36 0.01
N LEU A 354 3.07 -9.02 -0.32
CA LEU A 354 3.05 -10.12 -1.29
C LEU A 354 3.15 -9.60 -2.72
N GLY A 355 2.55 -8.45 -3.00
CA GLY A 355 2.61 -7.88 -4.32
C GLY A 355 3.86 -7.07 -4.59
N ALA A 356 4.83 -7.10 -3.69
CA ALA A 356 6.01 -6.25 -3.83
C ALA A 356 6.74 -6.49 -5.15
N PRO A 357 7.00 -7.72 -5.58
CA PRO A 357 7.64 -7.90 -6.89
C PRO A 357 6.85 -7.25 -8.01
N LEU A 358 5.52 -7.36 -7.96
CA LEU A 358 4.66 -6.73 -8.97
C LEU A 358 4.68 -5.21 -8.84
N ALA A 359 4.70 -4.69 -7.61
CA ALA A 359 4.72 -3.24 -7.44
C ALA A 359 6.04 -2.65 -7.90
N ARG A 360 7.16 -3.30 -7.56
CA ARG A 360 8.44 -2.83 -8.06
C ARG A 360 8.46 -2.79 -9.59
N LEU A 361 8.00 -3.87 -10.22
CA LEU A 361 8.01 -3.92 -11.68
C LEU A 361 7.17 -2.79 -12.26
N GLU A 362 5.96 -2.58 -11.73
CA GLU A 362 5.09 -1.54 -12.25
C GLU A 362 5.73 -0.15 -12.11
N LEU A 363 6.29 0.15 -10.94
CA LEU A 363 6.93 1.45 -10.75
C LEU A 363 8.15 1.62 -11.65
N GLN A 364 9.00 0.60 -11.73
CA GLN A 364 10.15 0.69 -12.63
C GLN A 364 9.71 1.02 -14.06
N GLU A 365 8.74 0.28 -14.59
CA GLU A 365 8.33 0.52 -15.98
C GLU A 365 7.60 1.85 -16.12
N ALA A 366 6.76 2.19 -15.14
CA ALA A 366 6.04 3.45 -15.20
C ALA A 366 7.01 4.63 -15.32
N LEU A 367 8.01 4.66 -14.45
CA LEU A 367 9.04 5.70 -14.54
C LEU A 367 9.83 5.58 -15.84
N ARG A 368 10.29 4.36 -16.16
CA ARG A 368 11.13 4.17 -17.34
C ARG A 368 10.51 4.81 -18.58
N ALA A 369 9.21 4.64 -18.76
CA ALA A 369 8.56 5.15 -19.97
C ALA A 369 8.47 6.67 -19.96
N LEU A 370 8.10 7.26 -18.81
CA LEU A 370 8.05 8.71 -18.71
C LEU A 370 9.41 9.33 -19.01
N LEU A 371 10.47 8.80 -18.39
CA LEU A 371 11.81 9.31 -18.63
C LEU A 371 12.19 9.23 -20.11
N GLU A 372 11.82 8.13 -20.78
CA GLU A 372 12.20 7.98 -22.17
C GLU A 372 11.42 8.92 -23.08
N ARG A 373 10.11 9.05 -22.84
CA ARG A 373 9.23 9.73 -23.77
C ARG A 373 8.98 11.19 -23.41
N LEU A 374 8.94 11.51 -22.12
CA LEU A 374 8.55 12.84 -21.65
C LEU A 374 9.62 13.42 -20.74
N PRO A 375 10.87 13.53 -21.22
CA PRO A 375 11.93 14.09 -20.37
C PRO A 375 11.63 15.49 -19.89
N THR A 376 10.86 16.27 -20.66
CA THR A 376 10.48 17.62 -20.29
C THR A 376 9.22 17.68 -19.43
N LEU A 377 8.79 16.55 -18.87
CA LEU A 377 7.57 16.52 -18.08
C LEU A 377 7.60 17.57 -16.97
N LYS A 378 6.49 18.28 -16.80
CA LYS A 378 6.41 19.31 -15.77
C LYS A 378 4.97 19.41 -15.28
N VAL A 379 4.81 19.56 -13.96
CA VAL A 379 3.50 19.85 -13.41
C VAL A 379 2.93 21.07 -14.11
N ALA A 380 1.66 20.99 -14.50
CA ALA A 380 1.02 22.05 -15.28
C ALA A 380 -0.24 22.59 -14.62
N GLY A 381 -0.38 22.43 -13.30
CA GLY A 381 -1.55 22.95 -12.62
C GLY A 381 -1.54 22.53 -11.17
N ASP A 382 -2.61 22.89 -10.48
CA ASP A 382 -2.75 22.52 -9.08
C ASP A 382 -2.93 21.01 -8.95
N ILE A 383 -2.19 20.40 -8.03
CA ILE A 383 -2.27 18.97 -7.80
C ILE A 383 -3.29 18.72 -6.70
N ALA A 384 -4.40 18.07 -7.06
CA ALA A 384 -5.39 17.64 -6.09
C ALA A 384 -4.84 16.44 -5.33
N TRP A 385 -4.57 16.62 -4.04
CA TRP A 385 -4.06 15.55 -3.20
C TRP A 385 -5.21 14.83 -2.51
N LYS A 386 -4.99 13.55 -2.21
CA LYS A 386 -6.00 12.78 -1.50
C LYS A 386 -6.09 13.23 -0.05
N SER A 387 -7.33 13.36 0.44
CA SER A 387 -7.58 13.80 1.80
C SER A 387 -8.66 12.93 2.43
N GLU A 388 -8.52 12.68 3.73
CA GLU A 388 -9.47 11.87 4.47
C GLU A 388 -9.58 10.47 3.88
N MET A 389 -8.48 9.94 3.36
CA MET A 389 -8.39 8.59 2.85
C MET A 389 -7.30 7.85 3.60
N MET A 390 -7.36 6.53 3.54
CA MET A 390 -6.34 5.69 4.16
C MET A 390 -5.00 5.74 3.44
N VAL A 391 -4.92 6.42 2.30
CA VAL A 391 -3.68 6.52 1.53
C VAL A 391 -3.46 7.96 1.11
N ARG A 392 -2.21 8.26 0.77
CA ARG A 392 -1.78 9.60 0.37
C ARG A 392 -1.31 9.60 -1.07
N GLY A 393 -1.52 10.73 -1.75
CA GLY A 393 -1.00 10.92 -3.08
C GLY A 393 -1.87 11.81 -3.92
N PRO A 394 -1.33 12.30 -5.04
CA PRO A 394 -2.12 13.14 -5.96
C PRO A 394 -3.36 12.41 -6.47
N ARG A 395 -4.53 13.00 -6.22
CA ARG A 395 -5.77 12.51 -6.83
C ARG A 395 -5.82 12.86 -8.32
N SER A 396 -5.49 14.11 -8.65
N SER A 396 -5.49 14.11 -8.65
CA SER A 396 -5.36 14.55 -10.03
CA SER A 396 -5.36 14.56 -10.03
C SER A 396 -4.06 15.33 -10.16
C SER A 396 -4.06 15.34 -10.17
N MET A 397 -3.33 15.08 -11.24
CA MET A 397 -2.00 15.66 -11.43
C MET A 397 -1.85 16.19 -12.85
N PRO A 398 -2.18 17.47 -13.07
CA PRO A 398 -2.01 18.05 -14.41
C PRO A 398 -0.53 18.17 -14.75
N VAL A 399 -0.17 17.66 -15.93
CA VAL A 399 1.23 17.65 -16.34
C VAL A 399 1.34 18.16 -17.78
N GLY A 400 2.55 18.57 -18.12
CA GLY A 400 2.84 19.03 -19.46
C GLY A 400 4.24 18.62 -19.89
N TRP A 401 4.60 19.01 -21.10
CA TRP A 401 5.90 18.65 -21.64
C TRP A 401 6.30 19.64 -22.72
CHA HEM B . 1.05 -6.24 2.53
CHB HEM B . 2.83 -2.00 0.96
CHC HEM B . 1.13 -3.03 -3.47
CHD HEM B . -0.85 -7.15 -1.86
C1A HEM B . 1.69 -5.02 2.51
C2A HEM B . 2.35 -4.35 3.63
C3A HEM B . 2.84 -3.19 3.19
C4A HEM B . 2.50 -3.06 1.78
CMA HEM B . 3.62 -2.16 4.04
CAA HEM B . 2.47 -4.90 5.07
CBA HEM B . 1.65 -3.99 5.97
CGA HEM B . 1.79 -4.35 7.44
O1A HEM B . 2.56 -5.29 7.75
O2A HEM B . 1.13 -3.69 8.28
C1B HEM B . 2.53 -1.92 -0.38
C2B HEM B . 2.92 -0.84 -1.28
C3B HEM B . 2.44 -1.14 -2.50
C4B HEM B . 1.74 -2.40 -2.40
CMB HEM B . 3.73 0.42 -0.90
CAB HEM B . 2.56 -0.34 -3.81
CBB HEM B . 3.24 0.81 -3.86
C1C HEM B . 0.48 -4.24 -3.44
C2C HEM B . -0.07 -4.94 -4.58
C3C HEM B . -0.63 -6.07 -4.15
C4C HEM B . -0.44 -6.14 -2.71
CMC HEM B . -0.04 -4.48 -6.05
CAC HEM B . -1.33 -7.09 -5.07
CBC HEM B . -1.79 -8.25 -4.61
C1D HEM B . -0.51 -7.26 -0.52
C2D HEM B . -0.87 -8.34 0.36
C3D HEM B . -0.35 -8.10 1.56
C4D HEM B . 0.37 -6.84 1.50
CMD HEM B . -1.71 -9.58 -0.03
CAD HEM B . -0.48 -8.99 2.80
CBD HEM B . 0.50 -10.15 2.73
CGD HEM B . 0.51 -10.88 4.06
O1D HEM B . 1.29 -11.84 4.22
O2D HEM B . -0.30 -10.48 4.94
NA HEM B . 1.81 -4.19 1.41
NB HEM B . 1.82 -2.85 -1.10
NC HEM B . 0.24 -5.01 -2.31
ND HEM B . 0.25 -6.37 0.21
FE HEM B . 1.10 -4.71 -0.47
OBG RRM C . -6.56 0.47 8.89
CAA RRM C . -6.16 -0.64 9.33
OBH RRM C . -6.65 -1.24 10.32
CAD RRM C . -5.01 -1.30 8.61
CAE RRM C . -4.95 -1.80 7.36
CAK RRM C . -6.14 -1.83 6.44
CAF RRM C . -3.69 -2.32 6.86
CAG RRM C . -3.34 -2.51 5.60
CAH RRM C . -2.02 -3.08 5.17
OBI RRM C . -0.93 -2.14 5.11
CAN RRM C . -2.13 -4.01 3.96
CAO RRM C . -3.31 -4.98 4.06
CAP RRM C . -3.06 -6.31 3.36
CAQ RRM C . -4.31 -7.17 3.27
CAR RRM C . -4.03 -8.53 2.67
CAM RRM C . -2.19 -3.15 2.71
CAL RRM C . -0.98 -2.23 2.67
CAJ RRM C . -0.89 -1.36 3.91
OBJ RRM C . -1.96 -0.43 3.83
CAS RRM C . 0.44 -0.64 3.98
CAW RRM C . 0.44 0.41 5.10
CAV RRM C . -0.73 1.35 4.95
CAX RRM C . -0.73 2.39 6.06
CAU RRM C . -2.03 0.55 4.88
CAY RRM C . -3.24 1.44 4.60
CAZ RRM C . -4.50 0.66 4.38
CBA RRM C . -5.06 0.30 3.22
CAT RRM C . -4.44 0.58 1.88
CBB RRM C . -6.34 -0.39 3.25
CBC RRM C . -6.99 -0.90 2.22
CBD RRM C . -8.33 -1.58 2.30
OBM RRM C . -8.74 -1.77 3.66
CBE RRM C . -8.30 -2.95 1.61
CAI RRM C . -7.18 -3.83 2.16
CBF RRM C . -9.65 -3.64 1.76
CAB RRM C . -9.88 -4.80 2.34
CAC RRM C . -11.26 -5.40 2.48
OBL RRM C . -12.26 -4.66 2.26
OBK RRM C . -11.34 -6.59 2.81
H2 RRM C . -4.22 -1.35 9.18
H3 RRM C . -5.94 -2.30 5.60
H4 RRM C . -6.91 -2.30 6.83
H5 RRM C . -6.43 -0.92 6.22
H6 RRM C . -3.04 -2.54 7.55
H7 RRM C . -3.96 -2.29 4.87
H8 RRM C . -1.75 -3.68 5.90
H9 RRM C . -1.30 -4.53 3.92
H10 RRM C . -4.12 -4.56 3.69
H11 RRM C . -3.49 -5.16 5.01
H12 RRM C . -2.37 -6.80 3.83
H13 RRM C . -2.74 -6.15 2.46
H14 RRM C . -4.70 -7.30 4.17
H15 RRM C . -5.00 -6.72 2.73
H16 RRM C . -4.86 -9.06 2.62
H17 RRM C . -3.39 -9.03 3.21
H18 RRM C . -3.68 -8.44 1.76
H19 RRM C . -3.02 -2.64 2.68
H20 RRM C . -2.18 -3.71 1.90
H21 RRM C . -0.17 -2.77 2.57
H22 RRM C . -1.04 -1.67 1.86
H23 RRM C . 0.62 -0.17 3.13
H24 RRM C . 1.17 -1.26 4.13
H25 RRM C . 0.40 -0.05 5.97
H26 RRM C . 1.28 0.90 5.08
H27 RRM C . -0.62 1.83 4.10
H28 RRM C . -1.49 3.01 5.98
H29 RRM C . -0.79 1.97 6.95
H30 RRM C . 0.09 2.93 6.04
H31 RRM C . -2.17 0.09 5.74
H32 RRM C . -3.07 2.01 3.82
H33 RRM C . -3.38 2.05 5.34
H34 RRM C . -4.96 0.41 5.21
H35 RRM C . -3.97 -0.21 1.54
H36 RRM C . -5.10 0.83 1.20
H37 RRM C . -3.81 1.33 1.94
H38 RRM C . -6.76 -0.47 4.13
H39 RRM C . -6.61 -0.87 1.32
H40 RRM C . -8.98 -0.99 1.87
H41 RRM C . -8.09 -2.17 4.04
H42 RRM C . -8.14 -2.82 0.66
H43 RRM C . -7.29 -3.97 3.12
H44 RRM C . -7.18 -4.71 1.73
H45 RRM C . -6.30 -3.42 2.03
H46 RRM C . -10.43 -3.16 1.39
H47 RRM C . -9.15 -5.35 2.70
CL CL D . 22.06 5.11 4.39
CL CL E . 18.64 -6.48 7.67
#